data_9F84
#
_entry.id   9F84
#
_cell.length_a   54.660
_cell.length_b   76.766
_cell.length_c   164.324
_cell.angle_alpha   90.000
_cell.angle_beta   90.000
_cell.angle_gamma   90.000
#
_symmetry.space_group_name_H-M   'P 21 21 21'
#
loop_
_entity.id
_entity.type
_entity.pdbx_description
1 polymer 'Choline O-acetyltransferase'
2 non-polymer 1-methyl-4-[(2S)-2-naphthalen-1-yl-2-propylsulfanyl-ethyl]-4H-pyridine
3 non-polymer 'SODIUM ION'
4 water water
#
_entity_poly.entity_id   1
_entity_poly.type   'polypeptide(L)'
_entity_poly.pdbx_seq_one_letter_code
;AAAKTPSSEESGLPKLPVPPLQQTLATYLQCMRHLVSEEQFRKSQAIVQQFGAPGGLGETLQQKLLERQEKTANWVSEYW
LNDMYLNNRLALPVNSSPAVIFARQHFPGTDDQLRFAASLISGVLSYKALLDSHSIPTDCAKGQLSGQPLCMKQYYGLFS
SYRLPGHTQDTLVAQNSSIMPEPEHVIVACCNQFFVLDVVINFRRLSEGDLFTQLRKIVKMASNAAARLPPIGLLTSDGR
SEWAEARTVLVKDSTNRDSLDMIERCICLVCLDAPGGVELSDTHRALQLLHGGGYSKNGANRWYDKSLQFVVGRDGTCGV
VCEHSPFDGIVLVQCTEHLLKHMTQPELVRSPMVPLPAPRRLRWKCSPEIQGHLASSAEKLQRIVKNLDFIVYKFDNYGK
TFIKKQKCSPDAFIQVALQLAFYRLHRRLVPTYESASIRRFQEGRVDNIRSATPEALAFVRAVTDHKAAVPASEKLLLLK
DAIRAQTAYTVMAITGMAIDNHLLALRELARAMCAALPEMFMDETYLMSNRFVLSTSQVPTTTEMFCCYGPVVPNGYGAC
YNPQPETILFCISSFHSCAATSSSKFAKAVEESLIDMRDLCSLLPPTESKPL
;
_entity_poly.pdbx_strand_id   A
#
loop_
_chem_comp.id
_chem_comp.type
_chem_comp.name
_chem_comp.formula
A1IAP non-polymer 1-methyl-4-[(2S)-2-naphthalen-1-yl-2-propylsulfanyl-ethyl]-4H-pyridine 'C21 H25 N S'
NA non-polymer 'SODIUM ION' 'Na 1'
#
# COMPACT_ATOMS: atom_id res chain seq x y z
N SER A 8 22.20 16.35 17.01
CA SER A 8 23.21 16.51 15.97
C SER A 8 23.23 15.29 15.05
N GLU A 9 23.59 14.13 15.62
CA GLU A 9 23.57 12.87 14.90
C GLU A 9 22.26 12.10 15.09
N GLU A 10 21.53 12.37 16.17
CA GLU A 10 20.30 11.67 16.46
C GLU A 10 19.10 12.57 16.19
N SER A 11 17.95 11.92 16.01
CA SER A 11 16.71 12.62 15.75
C SER A 11 16.30 13.49 16.94
N GLY A 12 15.71 14.65 16.63
CA GLY A 12 15.07 15.44 17.64
C GLY A 12 13.59 15.13 17.85
N LEU A 13 13.02 14.23 17.06
CA LEU A 13 11.60 13.91 17.13
C LEU A 13 11.29 13.12 18.39
N PRO A 14 10.07 13.24 18.92
CA PRO A 14 9.66 12.38 20.03
C PRO A 14 9.62 10.92 19.59
N LYS A 15 9.85 10.02 20.55
CA LYS A 15 9.63 8.62 20.27
C LYS A 15 8.14 8.30 20.30
N LEU A 16 7.78 7.21 19.66
CA LEU A 16 6.41 6.71 19.63
C LEU A 16 5.92 6.42 21.05
N PRO A 17 4.82 7.02 21.49
CA PRO A 17 4.37 6.78 22.86
C PRO A 17 3.98 5.33 23.06
N VAL A 18 4.07 4.88 24.32
CA VAL A 18 3.47 3.61 24.73
C VAL A 18 2.17 3.96 25.45
N PRO A 19 1.01 3.60 24.91
CA PRO A 19 -0.25 3.93 25.61
C PRO A 19 -0.32 3.22 26.93
N PRO A 20 -1.07 3.74 27.90
N PRO A 20 -1.08 3.75 27.89
CA PRO A 20 -1.29 2.99 29.14
CA PRO A 20 -1.31 2.99 29.13
C PRO A 20 -2.02 1.69 28.86
C PRO A 20 -1.99 1.67 28.83
N LEU A 21 -1.64 0.64 29.59
CA LEU A 21 -2.18 -0.70 29.31
C LEU A 21 -3.70 -0.74 29.45
N GLN A 22 -4.23 -0.16 30.52
CA GLN A 22 -5.68 -0.29 30.76
C GLN A 22 -6.50 0.50 29.74
N GLN A 23 -5.93 1.61 29.23
CA GLN A 23 -6.57 2.36 28.16
C GLN A 23 -6.74 1.52 26.90
N THR A 24 -5.68 0.81 26.52
CA THR A 24 -5.72 -0.02 25.32
C THR A 24 -6.68 -1.19 25.50
N LEU A 25 -6.68 -1.82 26.68
CA LEU A 25 -7.57 -2.98 26.86
C LEU A 25 -9.03 -2.55 26.85
N ALA A 26 -9.32 -1.39 27.42
CA ALA A 26 -10.70 -0.89 27.43
C ALA A 26 -11.15 -0.51 26.03
N THR A 27 -10.31 0.19 25.28
CA THR A 27 -10.66 0.54 23.91
C THR A 27 -10.85 -0.71 23.07
N TYR A 28 -9.97 -1.69 23.23
CA TYR A 28 -10.07 -2.95 22.49
C TYR A 28 -11.42 -3.62 22.71
N LEU A 29 -11.83 -3.78 23.96
CA LEU A 29 -13.11 -4.43 24.21
C LEU A 29 -14.27 -3.62 23.64
N GLN A 30 -14.22 -2.30 23.76
CA GLN A 30 -15.36 -1.54 23.26
C GLN A 30 -15.38 -1.48 21.73
N CYS A 31 -14.20 -1.61 21.08
CA CYS A 31 -14.13 -1.74 19.61
C CYS A 31 -14.86 -2.98 19.12
N MET A 32 -14.70 -4.10 19.85
CA MET A 32 -15.10 -5.40 19.32
C MET A 32 -16.47 -5.86 19.82
N ARG A 33 -17.04 -5.19 20.84
CA ARG A 33 -18.27 -5.70 21.43
C ARG A 33 -19.35 -5.94 20.39
N HIS A 34 -19.56 -5.00 19.47
CA HIS A 34 -20.66 -5.12 18.51
C HIS A 34 -20.30 -5.97 17.31
N LEU A 35 -19.08 -6.49 17.25
CA LEU A 35 -18.62 -7.28 16.11
C LEU A 35 -18.44 -8.76 16.41
N VAL A 36 -18.78 -9.20 17.62
CA VAL A 36 -18.72 -10.60 18.03
C VAL A 36 -20.03 -10.92 18.73
N SER A 37 -20.28 -12.22 18.92
CA SER A 37 -21.51 -12.63 19.58
C SER A 37 -21.45 -12.27 21.07
N GLU A 38 -22.62 -12.22 21.71
CA GLU A 38 -22.64 -11.85 23.12
C GLU A 38 -21.90 -12.89 23.97
N GLU A 39 -22.00 -14.17 23.58
CA GLU A 39 -21.32 -15.22 24.32
C GLU A 39 -19.81 -15.11 24.15
N GLN A 40 -19.35 -14.91 22.92
CA GLN A 40 -17.93 -14.71 22.69
C GLN A 40 -17.44 -13.45 23.38
N PHE A 41 -18.25 -12.38 23.39
CA PHE A 41 -17.79 -11.18 24.05
C PHE A 41 -17.65 -11.39 25.55
N ARG A 42 -18.60 -12.09 26.16
CA ARG A 42 -18.49 -12.37 27.59
C ARG A 42 -17.18 -13.09 27.90
N LYS A 43 -16.79 -14.05 27.04
CA LYS A 43 -15.55 -14.78 27.26
C LYS A 43 -14.35 -13.88 27.08
N SER A 44 -14.40 -13.01 26.06
CA SER A 44 -13.30 -12.07 25.84
C SER A 44 -13.15 -11.09 26.99
N GLN A 45 -14.27 -10.63 27.57
CA GLN A 45 -14.19 -9.75 28.73
C GLN A 45 -13.41 -10.40 29.87
N ALA A 46 -13.66 -11.69 30.13
CA ALA A 46 -12.96 -12.37 31.22
C ALA A 46 -11.49 -12.61 30.86
N ILE A 47 -11.21 -12.91 29.59
CA ILE A 47 -9.83 -13.10 29.17
C ILE A 47 -9.04 -11.82 29.36
N VAL A 48 -9.60 -10.69 28.93
CA VAL A 48 -8.92 -9.41 29.03
C VAL A 48 -8.74 -9.01 30.49
N GLN A 49 -9.76 -9.26 31.31
CA GLN A 49 -9.64 -8.96 32.73
C GLN A 49 -8.47 -9.72 33.35
N GLN A 50 -8.37 -11.01 33.03
CA GLN A 50 -7.26 -11.78 33.60
C GLN A 50 -5.93 -11.26 33.07
N PHE A 51 -5.89 -10.93 31.79
CA PHE A 51 -4.63 -10.49 31.17
C PHE A 51 -4.15 -9.17 31.79
N GLY A 52 -5.06 -8.24 32.02
CA GLY A 52 -4.74 -6.93 32.56
C GLY A 52 -4.85 -6.78 34.07
N ALA A 53 -5.01 -7.87 34.83
CA ALA A 53 -5.18 -7.79 36.29
C ALA A 53 -3.91 -7.26 36.97
N PRO A 54 -4.06 -6.67 38.16
CA PRO A 54 -2.88 -6.17 38.87
C PRO A 54 -1.85 -7.28 39.08
N GLY A 55 -0.60 -6.99 38.73
CA GLY A 55 0.42 -8.01 38.90
C GLY A 55 0.34 -9.16 37.91
N GLY A 56 -0.46 -9.04 36.85
CA GLY A 56 -0.65 -10.10 35.88
C GLY A 56 0.29 -9.98 34.69
N LEU A 57 0.02 -10.79 33.67
CA LEU A 57 0.92 -10.88 32.53
C LEU A 57 0.96 -9.57 31.72
N GLY A 58 -0.22 -9.00 31.44
CA GLY A 58 -0.24 -7.72 30.71
C GLY A 58 0.66 -6.67 31.34
N GLU A 59 0.63 -6.53 32.67
CA GLU A 59 1.49 -5.56 33.33
C GLU A 59 2.97 -5.91 33.15
N THR A 60 3.30 -7.19 33.21
CA THR A 60 4.68 -7.61 32.97
C THR A 60 5.12 -7.26 31.55
N LEU A 61 4.25 -7.53 30.57
CA LEU A 61 4.59 -7.21 29.18
C LEU A 61 4.68 -5.72 28.96
N GLN A 62 3.79 -4.95 29.59
CA GLN A 62 3.87 -3.50 29.48
C GLN A 62 5.20 -2.96 30.01
N GLN A 63 5.67 -3.47 31.16
CA GLN A 63 6.99 -3.05 31.64
C GLN A 63 8.09 -3.40 30.63
N LYS A 64 8.00 -4.59 30.02
CA LYS A 64 8.99 -4.93 29.00
C LYS A 64 8.89 -4.01 27.79
N LEU A 65 7.69 -3.56 27.47
CA LEU A 65 7.55 -2.66 26.34
C LEU A 65 8.13 -1.29 26.65
N LEU A 66 8.01 -0.83 27.88
CA LEU A 66 8.60 0.46 28.22
C LEU A 66 10.12 0.39 28.23
N GLU A 67 10.71 -0.77 28.60
CA GLU A 67 12.16 -0.92 28.47
C GLU A 67 12.56 -0.93 27.00
N ARG A 68 11.75 -1.55 26.15
CA ARG A 68 12.02 -1.57 24.71
C ARG A 68 11.94 -0.16 24.12
N GLN A 69 10.96 0.64 24.55
CA GLN A 69 10.88 2.01 24.06
C GLN A 69 12.13 2.79 24.43
N GLU A 70 12.70 2.53 25.61
CA GLU A 70 13.88 3.30 26.01
C GLU A 70 15.10 2.90 25.19
N LYS A 71 15.21 1.61 24.82
CA LYS A 71 16.38 1.06 24.14
C LYS A 71 16.34 1.18 22.62
N THR A 72 15.19 1.51 22.04
CA THR A 72 15.03 1.52 20.59
C THR A 72 14.57 2.91 20.17
N ALA A 73 14.86 3.28 18.92
CA ALA A 73 14.30 4.53 18.40
C ALA A 73 12.78 4.43 18.27
N ASN A 74 12.27 3.26 17.88
CA ASN A 74 10.83 3.04 17.71
C ASN A 74 10.52 1.61 18.11
N TRP A 75 9.76 1.42 19.19
CA TRP A 75 9.54 0.08 19.74
C TRP A 75 8.71 -0.83 18.82
N VAL A 76 8.02 -0.30 17.82
CA VAL A 76 7.18 -1.16 16.99
C VAL A 76 7.78 -1.45 15.62
N SER A 77 8.83 -0.73 15.20
CA SER A 77 9.31 -0.82 13.83
C SER A 77 9.53 -2.27 13.39
N GLU A 78 10.31 -3.04 14.16
CA GLU A 78 10.65 -4.40 13.75
C GLU A 78 9.41 -5.28 13.67
N TYR A 79 8.58 -5.24 14.72
CA TYR A 79 7.37 -6.07 14.75
C TYR A 79 6.43 -5.70 13.63
N TRP A 80 6.28 -4.40 13.37
CA TRP A 80 5.32 -3.94 12.37
C TRP A 80 5.77 -4.31 10.97
N LEU A 81 7.06 -4.12 10.67
CA LEU A 81 7.55 -4.48 9.35
C LEU A 81 7.33 -5.95 9.06
N ASN A 82 7.63 -6.81 10.04
CA ASN A 82 7.42 -8.24 9.87
C ASN A 82 5.94 -8.57 9.78
N ASP A 83 5.12 -8.01 10.67
CA ASP A 83 3.70 -8.37 10.69
C ASP A 83 2.94 -7.87 9.45
N MET A 84 3.20 -6.63 9.03
CA MET A 84 2.46 -6.06 7.91
C MET A 84 2.96 -6.59 6.56
N TYR A 85 4.27 -6.80 6.42
CA TYR A 85 4.88 -7.12 5.12
C TYR A 85 5.68 -8.42 5.11
N LEU A 86 6.79 -8.51 5.86
CA LEU A 86 7.78 -9.53 5.54
C LEU A 86 7.27 -10.93 5.85
N ASN A 87 6.33 -11.08 6.79
CA ASN A 87 5.78 -12.41 7.05
C ASN A 87 4.71 -12.80 6.04
N ASN A 88 4.18 -11.85 5.29
CA ASN A 88 3.06 -12.11 4.40
C ASN A 88 3.53 -12.97 3.23
N ARG A 89 2.91 -14.13 3.03
CA ARG A 89 3.36 -15.06 2.01
C ARG A 89 2.72 -14.82 0.65
N LEU A 90 1.70 -13.98 0.59
CA LEU A 90 0.99 -13.80 -0.69
C LEU A 90 1.88 -13.11 -1.70
N ALA A 91 1.63 -13.40 -2.97
CA ALA A 91 2.36 -12.73 -4.05
C ALA A 91 2.15 -11.22 -3.96
N LEU A 92 3.20 -10.46 -4.28
CA LEU A 92 3.10 -9.00 -4.18
C LEU A 92 2.08 -8.35 -5.11
N PRO A 93 1.94 -8.72 -6.38
CA PRO A 93 0.95 -8.05 -7.23
C PRO A 93 -0.44 -8.19 -6.63
N VAL A 94 -1.17 -7.06 -6.57
CA VAL A 94 -2.57 -6.96 -6.14
C VAL A 94 -2.66 -7.12 -4.64
N ASN A 95 -2.09 -8.20 -4.09
CA ASN A 95 -2.22 -8.45 -2.65
C ASN A 95 -1.46 -7.40 -1.82
N SER A 96 -0.37 -6.85 -2.34
CA SER A 96 0.49 -6.05 -1.49
C SER A 96 0.89 -4.71 -2.12
N SER A 97 1.42 -4.75 -3.35
CA SER A 97 2.05 -3.59 -3.98
C SER A 97 1.05 -2.62 -4.56
N PRO A 98 0.85 -1.45 -3.97
N PRO A 98 0.87 -1.44 -3.97
CA PRO A 98 -0.09 -0.48 -4.54
CA PRO A 98 -0.07 -0.46 -4.55
C PRO A 98 0.42 0.09 -5.86
C PRO A 98 0.43 0.06 -5.89
N ALA A 99 -0.52 0.53 -6.68
CA ALA A 99 -0.22 1.16 -7.96
C ALA A 99 -0.64 2.62 -7.89
N VAL A 100 0.18 3.48 -8.47
CA VAL A 100 -0.14 4.89 -8.66
C VAL A 100 -0.19 5.15 -10.15
N ILE A 101 -1.32 5.64 -10.63
CA ILE A 101 -1.56 5.83 -12.05
C ILE A 101 -1.43 7.31 -12.36
N PHE A 102 -0.59 7.65 -13.34
CA PHE A 102 -0.44 9.07 -13.67
C PHE A 102 -1.50 9.49 -14.67
N ALA A 103 -1.51 10.80 -14.95
CA ALA A 103 -2.37 11.31 -16.01
C ALA A 103 -2.14 10.54 -17.31
N ARG A 104 -3.22 10.40 -18.06
CA ARG A 104 -3.14 9.77 -19.37
C ARG A 104 -2.18 10.54 -20.26
N GLN A 105 -1.32 9.81 -20.97
CA GLN A 105 -0.36 10.43 -21.88
C GLN A 105 -0.68 10.04 -23.31
N HIS A 106 -0.16 10.81 -24.26
CA HIS A 106 -0.37 10.49 -25.67
C HIS A 106 0.97 10.52 -26.39
N PHE A 107 1.37 9.37 -26.92
CA PHE A 107 2.65 9.20 -27.60
C PHE A 107 2.38 8.81 -29.04
N PRO A 108 2.39 9.76 -29.99
CA PRO A 108 2.19 9.38 -31.40
C PRO A 108 3.17 8.32 -31.87
N GLY A 109 4.47 8.48 -31.56
CA GLY A 109 5.48 7.52 -31.93
C GLY A 109 6.24 7.00 -30.72
N THR A 110 7.08 6.00 -30.99
CA THR A 110 7.93 5.44 -29.95
C THR A 110 8.84 6.51 -29.36
N ASP A 111 9.35 7.43 -30.17
CA ASP A 111 10.26 8.45 -29.65
C ASP A 111 9.57 9.37 -28.66
N ASP A 112 8.24 9.50 -28.75
CA ASP A 112 7.52 10.26 -27.74
C ASP A 112 7.49 9.51 -26.41
N GLN A 113 7.19 8.21 -26.46
CA GLN A 113 7.32 7.37 -25.28
C GLN A 113 8.72 7.46 -24.69
N LEU A 114 9.74 7.33 -25.53
CA LEU A 114 11.12 7.33 -25.03
C LEU A 114 11.51 8.69 -24.47
N ARG A 115 11.03 9.78 -25.08
CA ARG A 115 11.33 11.10 -24.52
C ARG A 115 10.70 11.28 -23.15
N PHE A 116 9.50 10.74 -22.95
CA PHE A 116 8.86 10.78 -21.65
C PHE A 116 9.68 9.99 -20.63
N ALA A 117 10.10 8.78 -21.00
CA ALA A 117 10.89 7.96 -20.09
C ALA A 117 12.23 8.60 -19.78
N ALA A 118 12.84 9.25 -20.78
CA ALA A 118 14.09 9.97 -20.55
C ALA A 118 13.88 11.13 -19.58
N SER A 119 12.83 11.91 -19.80
CA SER A 119 12.51 13.01 -18.89
C SER A 119 12.22 12.50 -17.49
N LEU A 120 11.45 11.42 -17.36
CA LEU A 120 11.17 10.84 -16.05
C LEU A 120 12.45 10.42 -15.34
N ILE A 121 13.34 9.72 -16.05
CA ILE A 121 14.58 9.24 -15.40
C ILE A 121 15.41 10.43 -14.94
N SER A 122 15.50 11.46 -15.77
CA SER A 122 16.23 12.65 -15.37
C SER A 122 15.63 13.27 -14.11
N GLY A 123 14.29 13.33 -14.02
CA GLY A 123 13.67 13.85 -12.81
C GLY A 123 13.92 12.96 -11.59
N VAL A 124 14.02 11.65 -11.79
CA VAL A 124 14.36 10.74 -10.70
C VAL A 124 15.77 11.02 -10.20
N LEU A 125 16.72 11.22 -11.12
CA LEU A 125 18.08 11.56 -10.74
C LEU A 125 18.15 12.88 -9.98
N SER A 126 17.37 13.88 -10.40
CA SER A 126 17.36 15.17 -9.71
C SER A 126 16.76 15.05 -8.33
N TYR A 127 15.65 14.33 -8.22
CA TYR A 127 15.01 14.16 -6.93
C TYR A 127 15.92 13.41 -5.97
N LYS A 128 16.59 12.36 -6.46
CA LYS A 128 17.52 11.60 -5.63
C LYS A 128 18.72 12.44 -5.18
N ALA A 129 19.14 13.42 -5.98
CA ALA A 129 20.21 14.31 -5.52
C ALA A 129 19.72 15.24 -4.41
N LEU A 130 18.47 15.69 -4.49
CA LEU A 130 17.88 16.47 -3.40
C LEU A 130 17.83 15.63 -2.13
N LEU A 131 17.30 14.41 -2.25
CA LEU A 131 17.25 13.43 -1.18
C LEU A 131 18.63 13.22 -0.56
N ASP A 132 19.62 12.87 -1.38
CA ASP A 132 20.92 12.44 -0.87
C ASP A 132 21.66 13.58 -0.19
N SER A 133 21.39 14.82 -0.57
CA SER A 133 21.93 15.98 0.11
C SER A 133 20.98 16.52 1.18
N HIS A 134 19.95 15.76 1.58
CA HIS A 134 19.06 16.14 2.68
C HIS A 134 18.43 17.53 2.45
N SER A 135 18.03 17.81 1.21
CA SER A 135 17.52 19.13 0.83
C SER A 135 16.00 19.17 0.71
N ILE A 136 15.31 18.06 0.95
CA ILE A 136 13.86 18.04 0.92
C ILE A 136 13.37 18.76 2.16
N PRO A 137 12.55 19.81 2.04
CA PRO A 137 12.08 20.51 3.25
C PRO A 137 11.29 19.56 4.14
N THR A 138 11.54 19.67 5.45
CA THR A 138 10.85 18.84 6.41
C THR A 138 9.34 19.02 6.33
N ASP A 139 8.61 17.92 6.14
CA ASP A 139 7.17 17.95 6.20
C ASP A 139 6.72 18.33 7.60
N CYS A 140 5.61 19.07 7.67
CA CYS A 140 4.96 19.39 8.95
C CYS A 140 3.55 18.83 8.95
N ALA A 141 3.06 18.52 10.16
CA ALA A 141 1.75 17.90 10.30
C ALA A 141 0.67 18.81 9.71
N LYS A 142 -0.29 18.20 9.01
CA LYS A 142 -1.37 18.94 8.32
C LYS A 142 -0.82 20.02 7.39
N GLY A 143 0.32 19.76 6.75
CA GLY A 143 0.96 20.75 5.90
C GLY A 143 1.32 22.04 6.62
N GLY A 147 3.82 24.07 11.91
CA GLY A 147 3.32 22.74 12.20
C GLY A 147 4.37 21.82 12.82
N GLN A 148 3.90 20.76 13.46
CA GLN A 148 4.79 19.81 14.10
C GLN A 148 5.62 19.06 13.05
N PRO A 149 6.95 19.01 13.18
CA PRO A 149 7.79 18.29 12.19
C PRO A 149 7.48 16.81 12.13
N LEU A 150 7.64 16.23 10.93
CA LEU A 150 7.42 14.80 10.70
C LEU A 150 8.72 14.10 10.34
N CYS A 151 8.77 12.82 10.67
CA CYS A 151 9.90 11.98 10.29
C CYS A 151 10.09 11.96 8.76
N MET A 152 11.35 12.07 8.34
CA MET A 152 11.67 12.07 6.92
C MET A 152 12.35 10.78 6.48
N LYS A 153 12.41 9.75 7.34
CA LYS A 153 13.20 8.56 7.01
C LYS A 153 12.64 7.78 5.83
N GLN A 154 11.32 7.79 5.59
CA GLN A 154 10.79 7.01 4.47
C GLN A 154 11.33 7.50 3.13
N TYR A 155 11.69 8.78 3.02
CA TYR A 155 12.26 9.26 1.75
C TYR A 155 13.53 8.49 1.39
N TYR A 156 14.33 8.10 2.39
CA TYR A 156 15.56 7.39 2.07
C TYR A 156 15.33 5.94 1.68
N GLY A 157 14.08 5.45 1.75
CA GLY A 157 13.74 4.12 1.34
C GLY A 157 13.15 4.05 -0.04
N LEU A 158 12.93 5.20 -0.69
CA LEU A 158 12.28 5.19 -1.99
C LEU A 158 13.15 4.52 -3.05
N PHE A 159 14.45 4.79 -3.05
CA PHE A 159 15.32 4.31 -4.11
C PHE A 159 16.38 3.32 -3.66
N SER A 160 16.56 3.11 -2.36
CA SER A 160 17.68 2.34 -1.86
C SER A 160 17.24 1.00 -1.25
N SER A 161 16.11 0.46 -1.70
CA SER A 161 15.45 -0.64 -1.02
C SER A 161 15.24 -1.82 -1.96
N TYR A 162 15.41 -3.03 -1.42
CA TYR A 162 15.15 -4.25 -2.18
C TYR A 162 14.58 -5.28 -1.21
N ARG A 163 13.44 -5.88 -1.56
CA ARG A 163 12.80 -6.89 -0.70
C ARG A 163 13.15 -8.31 -1.15
N LEU A 164 14.01 -8.97 -0.41
CA LEU A 164 14.39 -10.34 -0.80
C LEU A 164 13.32 -11.32 -0.35
N PRO A 165 12.97 -12.32 -1.17
CA PRO A 165 12.05 -13.36 -0.69
C PRO A 165 12.73 -14.27 0.30
N GLY A 166 11.94 -14.82 1.22
CA GLY A 166 12.42 -15.84 2.13
C GLY A 166 11.43 -16.99 2.18
N HIS A 167 11.91 -18.13 2.66
CA HIS A 167 11.01 -19.29 2.74
C HIS A 167 9.87 -19.03 3.72
N THR A 168 10.16 -18.42 4.86
CA THR A 168 9.14 -18.08 5.83
C THR A 168 9.02 -16.59 6.11
N GLN A 169 10.10 -15.83 6.00
CA GLN A 169 10.06 -14.39 6.25
C GLN A 169 10.98 -13.72 5.24
N ASP A 170 10.51 -12.65 4.62
CA ASP A 170 11.30 -11.90 3.66
C ASP A 170 12.29 -11.00 4.41
N THR A 171 13.25 -10.47 3.66
N THR A 171 13.24 -10.44 3.67
CA THR A 171 14.22 -9.54 4.19
CA THR A 171 14.21 -9.53 4.27
C THR A 171 14.11 -8.23 3.41
C THR A 171 14.30 -8.25 3.43
N LEU A 172 14.21 -7.10 4.10
CA LEU A 172 14.19 -5.80 3.44
C LEU A 172 15.60 -5.25 3.54
N VAL A 173 16.26 -5.09 2.40
CA VAL A 173 17.67 -4.73 2.31
C VAL A 173 17.77 -3.27 1.89
N ALA A 174 18.63 -2.53 2.58
CA ALA A 174 18.99 -1.17 2.18
C ALA A 174 20.45 -1.15 1.72
N GLN A 175 20.74 -0.24 0.79
CA GLN A 175 22.07 -0.14 0.24
C GLN A 175 22.85 1.01 0.91
N PRO A 181 28.12 1.74 -4.52
CA PRO A 181 27.18 2.04 -5.61
C PRO A 181 27.80 2.95 -6.66
N GLU A 182 28.84 2.49 -7.35
CA GLU A 182 29.62 3.34 -8.26
C GLU A 182 29.80 2.68 -9.61
N PRO A 183 29.17 3.19 -10.67
CA PRO A 183 28.22 4.32 -10.65
C PRO A 183 26.80 3.85 -10.27
N GLU A 184 25.80 4.72 -10.37
CA GLU A 184 24.42 4.30 -10.16
C GLU A 184 23.80 3.98 -11.51
N HIS A 185 22.79 3.11 -11.48
CA HIS A 185 22.16 2.65 -12.71
C HIS A 185 20.70 2.44 -12.41
N VAL A 186 19.88 2.54 -13.45
CA VAL A 186 18.51 2.03 -13.38
C VAL A 186 18.48 0.74 -14.19
N ILE A 187 17.44 -0.05 -13.97
CA ILE A 187 17.15 -1.22 -14.79
C ILE A 187 15.98 -0.87 -15.69
N VAL A 188 16.15 -1.05 -16.99
CA VAL A 188 15.08 -0.83 -17.96
C VAL A 188 14.56 -2.19 -18.37
N ALA A 189 13.27 -2.40 -18.18
CA ALA A 189 12.57 -3.61 -18.59
C ALA A 189 11.88 -3.34 -19.92
N CYS A 190 12.15 -4.18 -20.92
CA CYS A 190 11.54 -4.06 -22.23
C CYS A 190 11.41 -5.45 -22.83
N CYS A 191 10.20 -5.83 -23.26
CA CYS A 191 9.97 -7.15 -23.84
C CYS A 191 10.43 -8.25 -22.90
N ASN A 192 10.24 -8.03 -21.60
CA ASN A 192 10.59 -8.96 -20.53
C ASN A 192 12.09 -9.12 -20.35
N GLN A 193 12.88 -8.29 -21.02
CA GLN A 193 14.34 -8.26 -20.94
C GLN A 193 14.73 -7.10 -20.04
N PHE A 194 15.83 -7.27 -19.29
CA PHE A 194 16.33 -6.26 -18.37
C PHE A 194 17.71 -5.77 -18.81
N PHE A 195 17.90 -4.46 -18.77
CA PHE A 195 19.11 -3.79 -19.21
C PHE A 195 19.61 -2.87 -18.12
N VAL A 196 20.92 -2.90 -17.89
CA VAL A 196 21.57 -1.95 -17.02
C VAL A 196 21.75 -0.64 -17.77
N LEU A 197 21.14 0.43 -17.28
CA LEU A 197 21.32 1.76 -17.85
C LEU A 197 22.11 2.60 -16.85
N ASP A 198 23.41 2.76 -17.08
CA ASP A 198 24.18 3.67 -16.24
C ASP A 198 23.69 5.09 -16.49
N VAL A 199 23.48 5.84 -15.41
CA VAL A 199 22.96 7.20 -15.54
C VAL A 199 24.05 8.22 -15.21
N VAL A 200 25.31 7.79 -15.31
CA VAL A 200 26.49 8.61 -15.07
C VAL A 200 27.60 8.14 -16.03
N ILE A 201 28.14 9.05 -16.83
CA ILE A 201 29.30 8.79 -17.67
C ILE A 201 30.41 9.76 -17.27
N ASN A 202 31.57 9.20 -16.91
CA ASN A 202 32.73 9.98 -16.46
C ASN A 202 32.34 10.95 -15.33
N PHE A 203 31.51 10.44 -14.40
CA PHE A 203 31.00 11.15 -13.23
C PHE A 203 30.08 12.31 -13.58
N ARG A 204 29.68 12.43 -14.84
CA ARG A 204 28.77 13.47 -15.30
C ARG A 204 27.41 12.84 -15.56
N ARG A 205 26.38 13.28 -14.81
CA ARG A 205 25.01 12.80 -14.98
C ARG A 205 24.58 12.89 -16.44
N LEU A 206 24.00 11.79 -16.95
CA LEU A 206 23.55 11.78 -18.34
C LEU A 206 22.40 12.77 -18.53
N SER A 207 22.46 13.52 -19.62
CA SER A 207 21.39 14.45 -19.96
C SER A 207 20.18 13.67 -20.50
N GLU A 208 19.05 14.39 -20.61
CA GLU A 208 17.84 13.79 -21.19
C GLU A 208 18.08 13.33 -22.62
N GLY A 209 18.89 14.06 -23.38
CA GLY A 209 19.24 13.61 -24.72
C GLY A 209 20.06 12.33 -24.72
N ASP A 210 21.02 12.23 -23.81
CA ASP A 210 21.80 10.99 -23.72
C ASP A 210 20.92 9.83 -23.30
N LEU A 211 19.97 10.08 -22.38
CA LEU A 211 19.10 9.02 -21.91
C LEU A 211 18.20 8.52 -23.03
N PHE A 212 17.66 9.46 -23.84
CA PHE A 212 16.90 9.12 -25.04
C PHE A 212 17.70 8.20 -25.96
N THR A 213 18.93 8.61 -26.28
CA THR A 213 19.78 7.82 -27.16
C THR A 213 19.98 6.41 -26.62
N GLN A 214 20.19 6.29 -25.30
CA GLN A 214 20.39 4.98 -24.69
C GLN A 214 19.14 4.13 -24.73
N LEU A 215 17.98 4.75 -24.49
CA LEU A 215 16.72 4.02 -24.49
C LEU A 215 16.41 3.47 -25.87
N ARG A 216 16.72 4.22 -26.93
CA ARG A 216 16.60 3.69 -28.28
C ARG A 216 17.46 2.44 -28.46
N LYS A 217 18.71 2.47 -27.98
CA LYS A 217 19.54 1.27 -28.09
C LYS A 217 18.86 0.08 -27.42
N ILE A 218 18.24 0.32 -26.26
CA ILE A 218 17.61 -0.74 -25.49
C ILE A 218 16.43 -1.34 -26.27
N VAL A 219 15.56 -0.48 -26.79
CA VAL A 219 14.38 -0.96 -27.53
C VAL A 219 14.81 -1.79 -28.73
N LYS A 220 15.92 -1.41 -29.36
CA LYS A 220 16.40 -2.17 -30.51
C LYS A 220 16.91 -3.55 -30.09
N MET A 221 17.71 -3.60 -29.03
CA MET A 221 18.22 -4.87 -28.54
C MET A 221 17.10 -5.77 -28.02
N ALA A 222 16.13 -5.17 -27.34
CA ALA A 222 15.04 -5.97 -26.76
C ALA A 222 14.17 -6.64 -27.82
N SER A 223 14.16 -6.10 -29.04
CA SER A 223 13.38 -6.64 -30.15
C SER A 223 14.08 -7.75 -30.91
N ASN A 224 15.28 -8.13 -30.52
CA ASN A 224 16.07 -9.12 -31.25
C ASN A 224 15.75 -10.50 -30.68
N ALA A 225 15.10 -11.34 -31.48
CA ALA A 225 14.70 -12.66 -30.99
C ALA A 225 15.90 -13.59 -30.82
N ALA A 226 17.01 -13.33 -31.48
CA ALA A 226 18.16 -14.23 -31.31
C ALA A 226 18.87 -13.99 -29.98
N ALA A 227 18.62 -12.85 -29.32
CA ALA A 227 19.19 -12.56 -28.02
C ALA A 227 18.16 -12.63 -26.89
N ARG A 228 16.91 -12.99 -27.21
CA ARG A 228 15.85 -12.97 -26.21
C ARG A 228 16.08 -14.03 -25.13
N LEU A 229 15.96 -13.61 -23.87
CA LEU A 229 16.15 -14.50 -22.74
C LEU A 229 14.81 -14.79 -22.07
N PRO A 230 14.75 -15.82 -21.21
CA PRO A 230 13.49 -16.16 -20.55
C PRO A 230 12.98 -15.01 -19.69
N PRO A 231 11.68 -14.96 -19.42
CA PRO A 231 11.13 -13.82 -18.67
C PRO A 231 11.25 -14.00 -17.16
N ILE A 232 12.48 -13.86 -16.66
CA ILE A 232 12.78 -14.13 -15.25
C ILE A 232 11.93 -13.27 -14.30
N GLY A 233 11.56 -12.06 -14.73
CA GLY A 233 10.77 -11.19 -13.86
C GLY A 233 9.43 -11.79 -13.45
N LEU A 234 8.88 -12.68 -14.29
CA LEU A 234 7.65 -13.38 -13.95
C LEU A 234 7.77 -14.11 -12.61
N LEU A 235 8.95 -14.61 -12.27
CA LEU A 235 9.12 -15.34 -11.02
C LEU A 235 8.90 -14.42 -9.81
N THR A 236 9.18 -13.11 -9.95
CA THR A 236 8.96 -12.21 -8.81
C THR A 236 7.50 -11.90 -8.55
N SER A 237 6.59 -12.31 -9.44
CA SER A 237 5.16 -12.11 -9.26
C SER A 237 4.49 -13.22 -8.46
N ASP A 238 5.22 -14.28 -8.11
CA ASP A 238 4.66 -15.46 -7.45
C ASP A 238 4.56 -15.26 -5.93
N GLY A 239 3.99 -16.26 -5.25
CA GLY A 239 3.99 -16.23 -3.79
C GLY A 239 5.41 -16.15 -3.24
N ARG A 240 5.56 -15.58 -2.04
CA ARG A 240 6.92 -15.24 -1.60
C ARG A 240 7.74 -16.49 -1.33
N SER A 241 7.11 -17.56 -0.80
CA SER A 241 7.87 -18.78 -0.59
C SER A 241 8.19 -19.47 -1.92
N GLU A 242 7.31 -19.32 -2.92
CA GLU A 242 7.58 -19.89 -4.24
C GLU A 242 8.75 -19.18 -4.90
N TRP A 243 8.75 -17.85 -4.85
CA TRP A 243 9.87 -17.11 -5.43
C TRP A 243 11.16 -17.32 -4.63
N ALA A 244 11.10 -17.44 -3.30
CA ALA A 244 12.31 -17.83 -2.58
C ALA A 244 12.85 -19.14 -3.11
N GLU A 245 11.97 -20.11 -3.38
CA GLU A 245 12.47 -21.39 -3.87
C GLU A 245 13.10 -21.24 -5.26
N ALA A 246 12.45 -20.49 -6.16
CA ALA A 246 12.99 -20.38 -7.52
C ALA A 246 14.26 -19.54 -7.55
N ARG A 247 14.33 -18.51 -6.70
CA ARG A 247 15.55 -17.71 -6.63
C ARG A 247 16.71 -18.56 -6.12
N THR A 248 16.46 -19.44 -5.14
CA THR A 248 17.53 -20.32 -4.68
C THR A 248 18.08 -21.18 -5.82
N VAL A 249 17.22 -21.58 -6.75
CA VAL A 249 17.73 -22.30 -7.93
C VAL A 249 18.64 -21.38 -8.74
N LEU A 250 18.20 -20.14 -8.98
CA LEU A 250 18.97 -19.21 -9.80
C LEU A 250 20.36 -18.97 -9.23
N VAL A 251 20.48 -18.78 -7.91
CA VAL A 251 21.75 -18.31 -7.35
C VAL A 251 22.82 -19.41 -7.36
N LYS A 252 22.46 -20.62 -7.83
CA LYS A 252 23.48 -21.65 -8.02
C LYS A 252 24.47 -21.28 -9.11
N ASP A 253 24.13 -20.34 -9.99
CA ASP A 253 24.95 -19.99 -11.13
C ASP A 253 25.48 -18.57 -10.99
N SER A 254 26.77 -18.38 -11.30
CA SER A 254 27.40 -17.06 -11.10
C SER A 254 26.84 -15.99 -12.03
N THR A 255 26.46 -16.36 -13.27
CA THR A 255 25.83 -15.37 -14.15
C THR A 255 24.54 -14.85 -13.54
N ASN A 256 23.71 -15.73 -12.99
CA ASN A 256 22.46 -15.26 -12.37
C ASN A 256 22.75 -14.42 -11.14
N ARG A 257 23.76 -14.79 -10.35
CA ARG A 257 24.05 -13.98 -9.16
C ARG A 257 24.44 -12.56 -9.57
N ASP A 258 25.28 -12.43 -10.60
CA ASP A 258 25.66 -11.10 -11.09
C ASP A 258 24.43 -10.32 -11.54
N SER A 259 23.50 -10.98 -12.23
CA SER A 259 22.33 -10.25 -12.74
C SER A 259 21.39 -9.86 -11.61
N LEU A 260 21.14 -10.77 -10.68
CA LEU A 260 20.32 -10.43 -9.53
C LEU A 260 20.94 -9.27 -8.74
N ASP A 261 22.26 -9.28 -8.62
CA ASP A 261 22.94 -8.22 -7.88
C ASP A 261 22.73 -6.88 -8.55
N MET A 262 22.69 -6.86 -9.87
CA MET A 262 22.50 -5.60 -10.56
C MET A 262 21.10 -5.06 -10.33
N ILE A 263 20.09 -5.93 -10.27
CA ILE A 263 18.74 -5.47 -9.99
C ILE A 263 18.61 -5.02 -8.56
N GLU A 264 19.20 -5.80 -7.63
CA GLU A 264 19.11 -5.47 -6.21
C GLU A 264 19.72 -4.11 -5.90
N ARG A 265 20.70 -3.66 -6.68
CA ARG A 265 21.37 -2.39 -6.39
C ARG A 265 20.97 -1.27 -7.33
N CYS A 266 19.94 -1.45 -8.14
CA CYS A 266 19.58 -0.36 -9.03
C CYS A 266 18.79 0.70 -8.29
N ILE A 267 18.67 1.87 -8.90
CA ILE A 267 17.88 2.95 -8.32
C ILE A 267 16.39 2.61 -8.35
N CYS A 268 15.91 2.20 -9.52
CA CYS A 268 14.53 1.84 -9.76
C CYS A 268 14.49 1.09 -11.07
N LEU A 269 13.33 0.52 -11.37
CA LEU A 269 13.03 -0.01 -12.70
C LEU A 269 12.27 1.04 -13.50
N VAL A 270 12.51 1.04 -14.81
CA VAL A 270 11.68 1.75 -15.77
C VAL A 270 11.17 0.70 -16.74
N CYS A 271 9.84 0.56 -16.86
CA CYS A 271 9.25 -0.52 -17.64
C CYS A 271 8.61 0.10 -18.88
N LEU A 272 9.17 -0.22 -20.05
CA LEU A 272 8.64 0.21 -21.36
C LEU A 272 7.63 -0.83 -21.81
N ASP A 273 6.40 -0.69 -21.32
CA ASP A 273 5.34 -1.65 -21.60
C ASP A 273 4.88 -1.58 -23.04
N ALA A 274 4.40 -2.72 -23.52
CA ALA A 274 3.79 -2.82 -24.83
C ALA A 274 2.36 -2.26 -24.78
N PRO A 275 1.79 -1.93 -25.94
CA PRO A 275 0.39 -1.47 -25.95
C PRO A 275 -0.54 -2.52 -25.37
N GLY A 276 -1.54 -2.05 -24.62
CA GLY A 276 -2.43 -2.95 -23.91
C GLY A 276 -3.49 -3.57 -24.80
N GLY A 277 -3.93 -2.85 -25.83
CA GLY A 277 -4.97 -3.33 -26.70
C GLY A 277 -6.37 -3.18 -26.15
N VAL A 278 -6.54 -2.68 -24.92
CA VAL A 278 -7.86 -2.40 -24.36
C VAL A 278 -8.05 -0.90 -24.28
N GLU A 279 -9.32 -0.47 -24.27
CA GLU A 279 -9.64 0.94 -24.07
C GLU A 279 -8.88 1.50 -22.88
N LEU A 280 -8.39 2.71 -23.01
CA LEU A 280 -7.52 3.26 -21.96
C LEU A 280 -8.30 3.99 -20.87
N SER A 281 -9.37 3.36 -20.38
CA SER A 281 -10.11 3.88 -19.24
C SER A 281 -9.24 3.90 -17.98
N ASP A 282 -9.67 4.69 -16.99
CA ASP A 282 -8.93 4.74 -15.73
C ASP A 282 -8.85 3.35 -15.12
N THR A 283 -9.93 2.58 -15.18
CA THR A 283 -9.90 1.22 -14.64
C THR A 283 -8.87 0.37 -15.36
N HIS A 284 -8.80 0.45 -16.69
CA HIS A 284 -7.87 -0.39 -17.43
C HIS A 284 -6.42 0.02 -17.21
N ARG A 285 -6.15 1.34 -17.16
N ARG A 285 -6.14 1.34 -17.18
CA ARG A 285 -4.79 1.79 -16.89
CA ARG A 285 -4.78 1.78 -16.88
C ARG A 285 -4.33 1.33 -15.51
C ARG A 285 -4.34 1.28 -15.52
N ALA A 286 -5.24 1.33 -14.53
CA ALA A 286 -4.93 0.82 -13.21
C ALA A 286 -4.62 -0.67 -13.24
N LEU A 287 -5.40 -1.45 -14.00
CA LEU A 287 -5.10 -2.88 -14.07
C LEU A 287 -3.69 -3.12 -14.58
N GLN A 288 -3.27 -2.38 -15.61
CA GLN A 288 -1.91 -2.55 -16.14
C GLN A 288 -0.86 -2.22 -15.09
N LEU A 289 -1.07 -1.17 -14.30
CA LEU A 289 -0.12 -0.89 -13.23
C LEU A 289 -0.17 -1.92 -12.11
N LEU A 290 -1.34 -2.51 -11.86
CA LEU A 290 -1.42 -3.45 -10.73
C LEU A 290 -0.75 -4.80 -11.04
N HIS A 291 -0.98 -5.36 -12.24
CA HIS A 291 -0.45 -6.69 -12.53
C HIS A 291 -0.02 -6.86 -13.98
N GLY A 292 0.06 -5.78 -14.75
CA GLY A 292 0.50 -5.82 -16.13
C GLY A 292 -0.40 -6.57 -17.07
N GLY A 293 -1.56 -7.02 -16.61
CA GLY A 293 -2.43 -7.86 -17.41
C GLY A 293 -1.99 -9.29 -17.54
N GLY A 294 -1.05 -9.76 -16.71
CA GLY A 294 -0.60 -11.15 -16.80
C GLY A 294 0.50 -11.35 -17.84
N TYR A 295 0.96 -12.61 -17.93
CA TYR A 295 2.15 -12.90 -18.75
C TYR A 295 1.91 -12.58 -20.22
N SER A 296 0.72 -12.84 -20.75
CA SER A 296 0.45 -12.60 -22.16
C SER A 296 0.48 -11.12 -22.54
N LYS A 297 0.52 -10.23 -21.56
CA LYS A 297 0.55 -8.80 -21.83
C LYS A 297 1.85 -8.20 -21.30
N ASN A 298 1.79 -7.47 -20.19
CA ASN A 298 3.00 -6.86 -19.64
C ASN A 298 3.40 -7.42 -18.27
N GLY A 299 2.79 -8.51 -17.82
CA GLY A 299 3.00 -8.96 -16.44
C GLY A 299 4.41 -9.46 -16.13
N ALA A 300 5.18 -9.90 -17.14
CA ALA A 300 6.55 -10.31 -16.90
C ALA A 300 7.55 -9.17 -17.07
N ASN A 301 7.08 -8.00 -17.47
CA ASN A 301 7.95 -6.85 -17.70
C ASN A 301 8.14 -6.06 -16.41
N ARG A 302 8.52 -6.78 -15.35
CA ARG A 302 8.38 -6.32 -13.98
C ARG A 302 9.44 -7.00 -13.11
N TRP A 303 9.76 -6.37 -11.99
CA TRP A 303 10.57 -7.01 -10.95
C TRP A 303 10.00 -6.54 -9.61
N TYR A 304 9.10 -7.34 -9.02
CA TYR A 304 8.30 -6.79 -7.92
C TYR A 304 9.08 -6.60 -6.63
N ASP A 305 10.27 -7.17 -6.49
CA ASP A 305 11.03 -6.97 -5.27
C ASP A 305 11.58 -5.56 -5.15
N LYS A 306 11.72 -4.85 -6.27
CA LYS A 306 12.32 -3.54 -6.23
C LYS A 306 11.26 -2.49 -5.90
N SER A 307 11.64 -1.47 -5.14
CA SER A 307 10.63 -0.64 -4.48
C SER A 307 9.81 0.19 -5.46
N LEU A 308 10.43 0.69 -6.52
CA LEU A 308 9.70 1.53 -7.47
C LEU A 308 9.90 0.99 -8.87
N GLN A 309 8.79 0.73 -9.56
CA GLN A 309 8.81 0.32 -10.96
C GLN A 309 7.97 1.34 -11.71
N PHE A 310 8.63 2.31 -12.34
CA PHE A 310 7.94 3.27 -13.17
C PHE A 310 7.56 2.61 -14.48
N VAL A 311 6.29 2.72 -14.85
CA VAL A 311 5.82 2.17 -16.11
C VAL A 311 5.62 3.33 -17.08
N VAL A 312 6.20 3.22 -18.27
CA VAL A 312 5.97 4.18 -19.35
C VAL A 312 5.53 3.36 -20.55
N GLY A 313 4.23 3.19 -20.71
CA GLY A 313 3.72 2.30 -21.73
C GLY A 313 3.71 2.94 -23.11
N ARG A 314 3.88 2.11 -24.15
CA ARG A 314 3.92 2.63 -25.51
C ARG A 314 2.64 3.40 -25.87
N ASP A 315 1.50 2.99 -25.32
CA ASP A 315 0.24 3.65 -25.61
C ASP A 315 -0.07 4.83 -24.68
N GLY A 316 0.82 5.20 -23.79
CA GLY A 316 0.58 6.34 -22.93
C GLY A 316 0.07 6.01 -21.53
N THR A 317 0.02 4.74 -21.17
CA THR A 317 -0.29 4.38 -19.79
C THR A 317 0.99 4.46 -18.97
N CYS A 318 1.00 5.34 -17.97
CA CYS A 318 2.16 5.60 -17.15
C CYS A 318 1.77 5.60 -15.69
N GLY A 319 2.69 5.13 -14.84
CA GLY A 319 2.46 5.19 -13.41
C GLY A 319 3.65 4.57 -12.69
N VAL A 320 3.45 4.19 -11.44
CA VAL A 320 4.53 3.54 -10.72
C VAL A 320 3.93 2.45 -9.85
N VAL A 321 4.55 1.28 -9.86
CA VAL A 321 4.17 0.16 -8.99
C VAL A 321 5.08 0.19 -7.78
N CYS A 322 4.51 0.12 -6.58
CA CYS A 322 5.26 0.40 -5.35
C CYS A 322 5.33 -0.84 -4.47
N GLU A 323 6.54 -1.30 -4.15
CA GLU A 323 6.69 -2.27 -3.08
C GLU A 323 6.68 -1.47 -1.79
N HIS A 324 5.64 -1.74 -0.98
N HIS A 324 5.63 -1.56 -0.98
CA HIS A 324 5.15 -0.95 0.16
CA HIS A 324 5.53 -0.54 0.07
C HIS A 324 6.07 -1.00 1.37
C HIS A 324 6.02 -1.01 1.43
N SER A 325 6.88 -2.04 1.51
CA SER A 325 7.52 -2.29 2.79
C SER A 325 8.39 -1.14 3.31
N PRO A 326 9.08 -0.33 2.48
CA PRO A 326 9.90 0.76 3.02
C PRO A 326 9.25 2.14 3.15
N PHE A 327 8.04 2.38 2.63
CA PHE A 327 7.46 3.72 2.72
C PHE A 327 5.96 3.61 2.52
N ASP A 328 5.25 4.63 3.01
CA ASP A 328 3.81 4.73 2.83
C ASP A 328 3.48 5.75 1.75
N GLY A 329 2.18 5.97 1.54
CA GLY A 329 1.73 6.59 0.30
C GLY A 329 1.87 8.09 0.26
N ILE A 330 1.86 8.76 1.42
CA ILE A 330 1.98 10.22 1.44
C ILE A 330 3.35 10.63 0.91
N VAL A 331 4.40 9.98 1.42
CA VAL A 331 5.76 10.29 0.96
C VAL A 331 5.92 9.93 -0.51
N LEU A 332 5.35 8.79 -0.92
CA LEU A 332 5.46 8.37 -2.31
C LEU A 332 4.81 9.39 -3.23
N VAL A 333 3.64 9.90 -2.86
CA VAL A 333 2.95 10.88 -3.69
C VAL A 333 3.70 12.21 -3.72
N GLN A 334 4.31 12.62 -2.60
CA GLN A 334 5.18 13.80 -2.63
C GLN A 334 6.27 13.63 -3.69
N CYS A 335 6.93 12.48 -3.68
CA CYS A 335 7.94 12.17 -4.68
C CYS A 335 7.38 12.23 -6.09
N THR A 336 6.28 11.50 -6.34
CA THR A 336 5.80 11.41 -7.73
C THR A 336 5.27 12.73 -8.24
N GLU A 337 4.62 13.52 -7.38
CA GLU A 337 4.17 14.83 -7.86
C GLU A 337 5.35 15.74 -8.17
N HIS A 338 6.42 15.65 -7.39
CA HIS A 338 7.61 16.44 -7.70
C HIS A 338 8.22 16.02 -9.03
N LEU A 339 8.35 14.72 -9.25
CA LEU A 339 8.81 14.20 -10.54
C LEU A 339 7.99 14.76 -11.69
N LEU A 340 6.66 14.62 -11.62
N LEU A 340 6.66 14.64 -11.61
CA LEU A 340 5.82 15.03 -12.73
CA LEU A 340 5.82 15.03 -12.75
C LEU A 340 5.85 16.54 -12.93
C LEU A 340 5.82 16.54 -12.94
N LYS A 341 5.81 17.30 -11.83
CA LYS A 341 5.83 18.75 -11.95
C LYS A 341 7.11 19.25 -12.58
N HIS A 342 8.22 18.57 -12.33
CA HIS A 342 9.48 19.07 -12.85
C HIS A 342 9.83 18.49 -14.21
N MET A 343 9.04 17.54 -14.71
CA MET A 343 9.08 17.21 -16.14
C MET A 343 8.51 18.36 -16.96
N THR A 344 7.53 19.07 -16.41
CA THR A 344 6.92 20.22 -17.09
C THR A 344 7.93 21.34 -17.31
N GLN A 345 8.92 21.46 -16.44
CA GLN A 345 9.94 22.50 -16.57
C GLN A 345 11.17 21.94 -17.30
N LEU A 356 29.76 7.14 -25.22
CA LEU A 356 28.49 6.60 -24.72
C LEU A 356 28.32 5.10 -24.99
N PRO A 357 28.67 4.27 -24.00
CA PRO A 357 28.63 2.82 -24.20
C PRO A 357 27.20 2.31 -24.19
N ALA A 358 27.04 1.10 -24.73
CA ALA A 358 25.70 0.57 -24.88
C ALA A 358 25.20 -0.01 -23.55
N PRO A 359 23.91 0.10 -23.27
CA PRO A 359 23.37 -0.56 -22.08
C PRO A 359 23.56 -2.06 -22.18
N ARG A 360 23.77 -2.70 -21.03
CA ARG A 360 24.10 -4.12 -20.99
C ARG A 360 22.86 -4.94 -20.66
N ARG A 361 22.53 -5.90 -21.52
CA ARG A 361 21.48 -6.85 -21.19
C ARG A 361 21.94 -7.72 -20.03
N LEU A 362 21.08 -7.89 -19.04
CA LEU A 362 21.35 -8.86 -17.99
C LEU A 362 21.15 -10.26 -18.53
N ARG A 363 22.16 -11.09 -18.40
CA ARG A 363 22.06 -12.45 -18.91
C ARG A 363 21.58 -13.41 -17.82
N TRP A 364 20.98 -14.51 -18.25
CA TRP A 364 20.48 -15.52 -17.34
C TRP A 364 20.89 -16.90 -17.82
N LYS A 365 21.16 -17.79 -16.87
CA LYS A 365 21.44 -19.20 -17.14
C LYS A 365 20.31 -20.02 -16.52
N CYS A 366 19.39 -20.50 -17.35
CA CYS A 366 18.23 -21.25 -16.90
C CYS A 366 18.47 -22.75 -17.04
N SER A 367 17.60 -23.51 -16.40
CA SER A 367 17.63 -24.96 -16.39
C SER A 367 16.23 -25.47 -16.64
N PRO A 368 16.06 -26.78 -16.84
CA PRO A 368 14.70 -27.33 -16.88
C PRO A 368 13.91 -27.03 -15.64
N GLU A 369 14.57 -26.95 -14.47
CA GLU A 369 13.89 -26.51 -13.26
C GLU A 369 13.26 -25.14 -13.45
N ILE A 370 14.00 -24.21 -14.05
CA ILE A 370 13.54 -22.82 -14.11
C ILE A 370 12.34 -22.70 -15.06
N GLN A 371 12.36 -23.47 -16.15
CA GLN A 371 11.22 -23.46 -17.06
C GLN A 371 9.95 -23.89 -16.37
N GLY A 372 10.04 -24.90 -15.48
CA GLY A 372 8.87 -25.30 -14.71
C GLY A 372 8.40 -24.22 -13.74
N HIS A 373 9.34 -23.52 -13.11
CA HIS A 373 8.97 -22.42 -12.23
C HIS A 373 8.32 -21.29 -13.00
N LEU A 374 8.79 -21.03 -14.22
CA LEU A 374 8.23 -19.95 -15.03
C LEU A 374 6.79 -20.27 -15.43
N ALA A 375 6.53 -21.50 -15.91
CA ALA A 375 5.17 -21.89 -16.27
C ALA A 375 4.24 -21.82 -15.06
N SER A 376 4.71 -22.28 -13.89
CA SER A 376 3.88 -22.19 -12.70
C SER A 376 3.62 -20.74 -12.29
N SER A 377 4.61 -19.87 -12.43
CA SER A 377 4.37 -18.47 -12.06
C SER A 377 3.40 -17.80 -13.02
N ALA A 378 3.48 -18.14 -14.32
CA ALA A 378 2.54 -17.58 -15.29
C ALA A 378 1.11 -17.98 -14.94
N GLU A 379 0.91 -19.25 -14.58
CA GLU A 379 -0.40 -19.75 -14.18
C GLU A 379 -0.88 -19.08 -12.89
N LYS A 380 -0.01 -19.00 -11.88
CA LYS A 380 -0.39 -18.33 -10.64
C LYS A 380 -0.73 -16.87 -10.88
N LEU A 381 0.05 -16.17 -11.72
CA LEU A 381 -0.25 -14.76 -11.94
C LEU A 381 -1.57 -14.60 -12.68
N GLN A 382 -1.88 -15.53 -13.59
CA GLN A 382 -3.15 -15.41 -14.32
C GLN A 382 -4.35 -15.59 -13.39
N ARG A 383 -4.23 -16.42 -12.37
CA ARG A 383 -5.30 -16.52 -11.37
C ARG A 383 -5.54 -15.18 -10.69
N ILE A 384 -4.46 -14.44 -10.39
CA ILE A 384 -4.61 -13.13 -9.76
C ILE A 384 -5.29 -12.15 -10.71
N VAL A 385 -4.85 -12.12 -11.96
CA VAL A 385 -5.46 -11.26 -12.98
C VAL A 385 -6.97 -11.53 -13.08
N LYS A 386 -7.34 -12.81 -13.23
N LYS A 386 -7.35 -12.80 -13.20
CA LYS A 386 -8.75 -13.16 -13.38
CA LYS A 386 -8.76 -13.12 -13.39
C LYS A 386 -9.56 -12.87 -12.13
C LYS A 386 -9.58 -12.90 -12.12
N ASN A 387 -8.95 -13.01 -10.96
CA ASN A 387 -9.67 -12.91 -9.69
C ASN A 387 -9.97 -11.47 -9.29
N LEU A 388 -9.22 -10.50 -9.81
CA LEU A 388 -9.33 -9.15 -9.29
C LEU A 388 -10.57 -8.49 -9.88
N ASP A 389 -11.49 -8.05 -9.00
CA ASP A 389 -12.65 -7.26 -9.38
C ASP A 389 -12.32 -5.82 -9.03
N PHE A 390 -12.08 -4.96 -10.03
CA PHE A 390 -11.58 -3.61 -9.76
C PHE A 390 -12.40 -2.54 -10.48
N ILE A 391 -12.70 -1.45 -9.79
CA ILE A 391 -13.46 -0.38 -10.43
C ILE A 391 -12.94 0.96 -9.92
N VAL A 392 -12.76 1.91 -10.85
CA VAL A 392 -12.48 3.30 -10.48
C VAL A 392 -13.80 4.03 -10.60
N TYR A 393 -14.28 4.61 -9.51
CA TYR A 393 -15.59 5.27 -9.51
C TYR A 393 -15.38 6.70 -9.04
N LYS A 394 -15.78 7.64 -9.86
CA LYS A 394 -15.66 9.06 -9.56
C LYS A 394 -17.03 9.55 -9.08
N PHE A 395 -17.13 9.84 -7.79
CA PHE A 395 -18.35 10.45 -7.29
C PHE A 395 -18.31 11.94 -7.61
N ASP A 396 -19.29 12.45 -8.36
CA ASP A 396 -19.19 13.82 -8.84
C ASP A 396 -20.27 14.76 -8.29
N ASN A 397 -21.09 14.32 -7.36
CA ASN A 397 -22.14 15.21 -6.87
C ASN A 397 -21.59 16.30 -5.95
N TYR A 398 -20.53 15.99 -5.19
CA TYR A 398 -19.90 16.97 -4.30
C TYR A 398 -18.58 16.39 -3.82
N GLY A 399 -17.83 17.21 -3.08
CA GLY A 399 -16.57 16.79 -2.50
C GLY A 399 -16.29 17.49 -1.21
N LYS A 400 -15.03 17.89 -1.02
CA LYS A 400 -14.61 18.52 0.25
C LYS A 400 -15.40 19.79 0.56
N THR A 401 -15.68 20.62 -0.46
CA THR A 401 -16.31 21.91 -0.17
C THR A 401 -17.65 21.72 0.53
N PHE A 402 -18.49 20.82 0.03
CA PHE A 402 -19.77 20.57 0.69
C PHE A 402 -19.56 19.97 2.08
N ILE A 403 -18.62 19.02 2.22
CA ILE A 403 -18.43 18.34 3.50
C ILE A 403 -17.97 19.30 4.56
N LYS A 404 -17.03 20.19 4.22
CA LYS A 404 -16.56 21.17 5.20
C LYS A 404 -17.68 22.11 5.62
N LYS A 405 -18.63 22.41 4.74
CA LYS A 405 -19.77 23.24 5.11
C LYS A 405 -20.70 22.56 6.11
N GLN A 406 -20.48 21.29 6.39
CA GLN A 406 -21.22 20.55 7.41
C GLN A 406 -20.45 20.42 8.71
N LYS A 407 -19.37 21.19 8.88
CA LYS A 407 -18.51 21.13 10.07
C LYS A 407 -17.98 19.71 10.28
N CYS A 408 -17.62 19.05 9.19
CA CYS A 408 -17.06 17.69 9.20
C CYS A 408 -15.72 17.66 8.50
N SER A 409 -14.81 16.88 9.04
CA SER A 409 -13.61 16.49 8.31
C SER A 409 -14.00 15.66 7.08
N PRO A 410 -13.48 15.97 5.88
CA PRO A 410 -13.78 15.10 4.73
C PRO A 410 -13.40 13.65 4.97
N ASP A 411 -12.26 13.39 5.59
CA ASP A 411 -11.87 11.99 5.80
C ASP A 411 -12.89 11.27 6.66
N ALA A 412 -13.31 11.90 7.76
CA ALA A 412 -14.24 11.23 8.67
C ALA A 412 -15.59 11.02 8.02
N PHE A 413 -16.06 12.02 7.26
CA PHE A 413 -17.32 11.89 6.55
C PHE A 413 -17.28 10.72 5.57
N ILE A 414 -16.18 10.61 4.81
CA ILE A 414 -16.08 9.51 3.84
C ILE A 414 -15.98 8.16 4.55
N GLN A 415 -15.20 8.09 5.63
CA GLN A 415 -15.14 6.83 6.37
C GLN A 415 -16.50 6.38 6.85
N VAL A 416 -17.31 7.31 7.36
CA VAL A 416 -18.66 6.93 7.80
C VAL A 416 -19.50 6.48 6.59
N ALA A 417 -19.35 7.14 5.45
CA ALA A 417 -20.04 6.72 4.22
C ALA A 417 -19.68 5.30 3.84
N LEU A 418 -18.39 4.92 3.97
CA LEU A 418 -18.01 3.56 3.63
C LEU A 418 -18.62 2.55 4.61
N GLN A 419 -18.74 2.91 5.89
CA GLN A 419 -19.43 2.02 6.82
C GLN A 419 -20.90 1.84 6.43
N LEU A 420 -21.59 2.94 6.07
CA LEU A 420 -22.98 2.82 5.63
C LEU A 420 -23.08 2.02 4.33
N ALA A 421 -22.14 2.21 3.41
CA ALA A 421 -22.14 1.42 2.17
C ALA A 421 -21.98 -0.06 2.46
N PHE A 422 -21.00 -0.40 3.29
CA PHE A 422 -20.80 -1.82 3.62
C PHE A 422 -22.03 -2.39 4.32
N TYR A 423 -22.60 -1.65 5.28
CA TYR A 423 -23.77 -2.17 6.01
C TYR A 423 -24.98 -2.33 5.10
N ARG A 424 -25.22 -1.38 4.20
CA ARG A 424 -26.47 -1.51 3.43
C ARG A 424 -26.36 -2.62 2.39
N LEU A 425 -25.16 -2.96 2.00
CA LEU A 425 -24.94 -4.06 1.06
C LEU A 425 -24.84 -5.41 1.77
N HIS A 426 -24.10 -5.46 2.87
CA HIS A 426 -23.80 -6.74 3.50
C HIS A 426 -24.51 -6.97 4.81
N ARG A 427 -25.20 -5.98 5.36
CA ARG A 427 -26.09 -6.10 6.50
C ARG A 427 -25.35 -6.40 7.80
N ARG A 428 -24.07 -6.03 7.87
CA ARG A 428 -23.29 -6.06 9.10
C ARG A 428 -22.14 -5.07 8.90
N LEU A 429 -21.55 -4.63 10.02
CA LEU A 429 -20.25 -4.00 9.95
C LEU A 429 -19.18 -5.05 10.17
N VAL A 430 -17.94 -4.73 9.77
CA VAL A 430 -16.84 -5.67 9.89
C VAL A 430 -15.63 -4.91 10.41
N PRO A 431 -14.65 -5.62 10.99
CA PRO A 431 -13.39 -4.96 11.32
C PRO A 431 -12.83 -4.24 10.11
N THR A 432 -12.56 -2.95 10.28
CA THR A 432 -12.17 -2.08 9.18
C THR A 432 -10.82 -1.48 9.51
N TYR A 433 -9.97 -1.38 8.51
CA TYR A 433 -8.64 -0.79 8.61
C TYR A 433 -8.65 0.55 7.90
N GLU A 434 -8.08 1.57 8.53
CA GLU A 434 -7.79 2.84 7.86
C GLU A 434 -6.39 3.27 8.29
N SER A 435 -5.50 3.46 7.32
CA SER A 435 -4.15 3.93 7.59
C SER A 435 -4.16 5.27 8.31
N ALA A 436 -3.38 5.36 9.39
CA ALA A 436 -3.19 6.62 10.11
C ALA A 436 -1.70 6.85 10.24
N SER A 437 -1.20 7.99 9.75
CA SER A 437 0.24 8.21 9.80
C SER A 437 0.70 8.57 11.21
N ILE A 438 1.78 7.92 11.67
CA ILE A 438 2.43 8.28 12.93
C ILE A 438 3.82 8.84 12.67
N ARG A 439 3.98 9.56 11.55
CA ARG A 439 5.24 10.25 11.21
C ARG A 439 5.59 11.37 12.17
N ARG A 440 4.70 11.73 13.09
CA ARG A 440 5.11 12.65 14.15
C ARG A 440 6.26 12.10 14.98
N PHE A 441 6.46 10.79 14.99
CA PHE A 441 7.39 10.10 15.88
C PHE A 441 8.53 9.51 15.08
N GLN A 442 9.67 9.32 15.74
CA GLN A 442 10.84 8.73 15.08
C GLN A 442 10.50 7.42 14.37
N GLU A 443 10.94 7.30 13.11
CA GLU A 443 10.75 6.14 12.26
C GLU A 443 9.27 5.81 12.05
N GLY A 444 8.37 6.74 12.37
CA GLY A 444 6.96 6.42 12.42
C GLY A 444 6.41 6.03 11.06
N ARG A 445 5.64 4.94 11.01
CA ARG A 445 4.97 4.53 9.79
C ARG A 445 3.49 4.79 9.97
N VAL A 446 2.66 3.78 10.29
CA VAL A 446 1.22 3.95 10.44
C VAL A 446 0.73 3.17 11.65
N ASP A 447 -0.42 3.58 12.17
CA ASP A 447 -1.24 2.75 13.04
C ASP A 447 -2.62 2.66 12.40
N ASN A 448 -3.57 1.99 13.06
CA ASN A 448 -4.88 1.69 12.48
C ASN A 448 -5.96 2.56 13.13
N ILE A 449 -6.79 3.20 12.31
CA ILE A 449 -8.04 3.81 12.77
C ILE A 449 -9.15 2.79 12.58
N ARG A 450 -9.83 2.38 13.67
CA ARG A 450 -10.84 1.34 13.57
C ARG A 450 -12.19 1.99 13.30
N SER A 451 -12.51 2.19 12.01
CA SER A 451 -13.68 3.00 11.64
C SER A 451 -15.03 2.31 11.90
N ALA A 452 -15.04 1.01 12.23
CA ALA A 452 -16.31 0.33 12.52
C ALA A 452 -16.66 0.56 14.00
N THR A 453 -16.99 1.82 14.31
CA THR A 453 -17.22 2.21 15.71
C THR A 453 -18.63 1.82 16.16
N PRO A 454 -18.87 1.81 17.46
CA PRO A 454 -20.24 1.65 17.95
C PRO A 454 -21.16 2.74 17.44
N GLU A 455 -20.64 3.96 17.30
CA GLU A 455 -21.46 5.06 16.79
C GLU A 455 -21.81 4.85 15.32
N ALA A 456 -20.86 4.35 14.54
CA ALA A 456 -21.16 4.03 13.15
C ALA A 456 -22.24 2.96 13.06
N LEU A 457 -22.21 1.98 13.96
CA LEU A 457 -23.25 0.97 13.96
C LEU A 457 -24.62 1.59 14.27
N ALA A 458 -24.69 2.45 15.28
CA ALA A 458 -25.98 3.06 15.60
C ALA A 458 -26.51 3.84 14.39
N PHE A 459 -25.62 4.53 13.68
CA PHE A 459 -26.04 5.32 12.52
C PHE A 459 -26.51 4.45 11.37
N VAL A 460 -25.74 3.42 11.01
CA VAL A 460 -26.13 2.64 9.83
C VAL A 460 -27.39 1.83 10.10
N ARG A 461 -27.62 1.38 11.33
CA ARG A 461 -28.87 0.67 11.61
C ARG A 461 -30.06 1.62 11.51
N ALA A 462 -29.93 2.83 12.03
CA ALA A 462 -31.04 3.78 11.92
C ALA A 462 -31.39 4.05 10.46
N VAL A 463 -30.38 4.19 9.61
CA VAL A 463 -30.62 4.55 8.21
C VAL A 463 -31.28 3.38 7.46
N THR A 464 -30.85 2.15 7.72
CA THR A 464 -31.26 1.02 6.90
C THR A 464 -32.49 0.29 7.43
N ASP A 465 -32.83 0.42 8.71
CA ASP A 465 -33.92 -0.36 9.30
C ASP A 465 -35.21 0.44 9.13
N HIS A 466 -35.89 0.22 8.00
CA HIS A 466 -37.06 1.04 7.68
C HIS A 466 -38.16 0.88 8.72
N LYS A 467 -38.35 -0.34 9.24
CA LYS A 467 -39.46 -0.58 10.16
C LYS A 467 -39.27 0.19 11.46
N ALA A 468 -38.03 0.43 11.88
CA ALA A 468 -37.77 1.25 13.05
C ALA A 468 -38.25 2.69 12.86
N ALA A 469 -38.26 3.19 11.61
CA ALA A 469 -38.87 4.50 11.33
C ALA A 469 -38.22 5.62 12.14
N VAL A 470 -36.90 5.56 12.24
CA VAL A 470 -36.16 6.64 12.93
C VAL A 470 -36.36 7.95 12.17
N PRO A 471 -36.74 9.04 12.83
CA PRO A 471 -36.90 10.32 12.11
C PRO A 471 -35.58 10.77 11.49
N ALA A 472 -35.70 11.44 10.34
CA ALA A 472 -34.50 11.96 9.70
C ALA A 472 -33.73 12.88 10.62
N SER A 473 -34.43 13.64 11.46
CA SER A 473 -33.72 14.53 12.37
C SER A 473 -32.84 13.72 13.33
N GLU A 474 -33.31 12.56 13.77
CA GLU A 474 -32.51 11.70 14.62
C GLU A 474 -31.38 10.99 13.86
N LYS A 475 -31.64 10.58 12.61
CA LYS A 475 -30.56 10.03 11.80
C LYS A 475 -29.43 11.04 11.65
N LEU A 476 -29.77 12.32 11.58
CA LEU A 476 -28.74 13.34 11.42
C LEU A 476 -27.90 13.47 12.69
N LEU A 477 -28.55 13.46 13.86
CA LEU A 477 -27.79 13.43 15.11
C LEU A 477 -26.88 12.22 15.18
N LEU A 478 -27.35 11.07 14.73
CA LEU A 478 -26.51 9.86 14.75
C LEU A 478 -25.38 9.97 13.73
N LEU A 479 -25.66 10.61 12.59
CA LEU A 479 -24.60 10.83 11.59
C LEU A 479 -23.50 11.68 12.19
N LYS A 480 -23.86 12.78 12.83
CA LYS A 480 -22.84 13.68 13.35
C LYS A 480 -22.09 13.04 14.51
N ASP A 481 -22.76 12.21 15.33
CA ASP A 481 -22.05 11.51 16.38
C ASP A 481 -21.12 10.46 15.81
N ALA A 482 -21.48 9.81 14.70
CA ALA A 482 -20.55 8.85 14.12
C ALA A 482 -19.34 9.58 13.54
N ILE A 483 -19.56 10.74 12.92
CA ILE A 483 -18.43 11.52 12.40
C ILE A 483 -17.56 12.00 13.53
N ARG A 484 -18.17 12.43 14.65
CA ARG A 484 -17.41 12.82 15.83
C ARG A 484 -16.53 11.68 16.33
N ALA A 485 -17.12 10.49 16.48
CA ALA A 485 -16.36 9.32 16.96
C ALA A 485 -15.23 8.96 15.99
N GLN A 486 -15.48 9.08 14.68
CA GLN A 486 -14.46 8.78 13.66
C GLN A 486 -13.29 9.74 13.78
N THR A 487 -13.60 11.04 13.93
CA THR A 487 -12.58 12.07 14.11
C THR A 487 -11.79 11.84 15.39
N ALA A 488 -12.48 11.48 16.47
CA ALA A 488 -11.81 11.21 17.73
C ALA A 488 -10.83 10.04 17.61
N TYR A 489 -11.25 8.96 16.94
CA TYR A 489 -10.35 7.83 16.76
C TYR A 489 -9.15 8.23 15.90
N THR A 490 -9.39 9.05 14.88
CA THR A 490 -8.30 9.55 14.03
C THR A 490 -7.26 10.30 14.85
N VAL A 491 -7.68 11.24 15.70
CA VAL A 491 -6.73 11.98 16.55
C VAL A 491 -5.98 11.02 17.46
N MET A 492 -6.70 10.07 18.06
CA MET A 492 -6.08 9.05 18.91
C MET A 492 -4.99 8.30 18.16
N ALA A 493 -5.28 7.86 16.93
CA ALA A 493 -4.31 7.06 16.20
C ALA A 493 -3.08 7.88 15.81
N ILE A 494 -3.27 9.08 15.26
CA ILE A 494 -2.10 9.81 14.76
C ILE A 494 -1.23 10.34 15.90
N THR A 495 -1.77 10.43 17.13
CA THR A 495 -0.96 10.81 18.28
C THR A 495 -0.38 9.60 19.02
N GLY A 496 -0.45 8.41 18.44
CA GLY A 496 0.17 7.23 19.05
C GLY A 496 -0.62 6.61 20.18
N MET A 497 -1.92 6.93 20.30
CA MET A 497 -2.72 6.49 21.45
C MET A 497 -3.74 5.42 21.08
N ALA A 498 -3.73 4.89 19.86
CA ALA A 498 -4.68 3.86 19.50
C ALA A 498 -4.09 2.50 19.89
N ILE A 499 -4.62 1.39 19.38
CA ILE A 499 -4.39 0.10 20.03
C ILE A 499 -3.63 -0.92 19.18
N ASP A 500 -3.64 -0.85 17.86
CA ASP A 500 -3.13 -2.01 17.10
C ASP A 500 -1.64 -2.21 17.32
N ASN A 501 -0.83 -1.16 17.16
CA ASN A 501 0.62 -1.31 17.38
C ASN A 501 0.92 -1.76 18.80
N HIS A 502 0.20 -1.20 19.78
CA HIS A 502 0.42 -1.55 21.17
C HIS A 502 0.17 -3.02 21.43
N LEU A 503 -0.97 -3.55 20.96
CA LEU A 503 -1.25 -4.97 21.13
C LEU A 503 -0.25 -5.84 20.36
N LEU A 504 0.13 -5.40 19.17
CA LEU A 504 1.12 -6.16 18.39
C LEU A 504 2.41 -6.35 19.18
N ALA A 505 2.91 -5.25 19.78
CA ALA A 505 4.13 -5.32 20.57
C ALA A 505 3.95 -6.17 21.82
N LEU A 506 2.83 -6.04 22.52
CA LEU A 506 2.61 -6.92 23.67
C LEU A 506 2.59 -8.38 23.24
N ARG A 507 1.95 -8.67 22.10
CA ARG A 507 1.90 -10.04 21.59
C ARG A 507 3.29 -10.58 21.26
N GLU A 508 4.12 -9.77 20.60
CA GLU A 508 5.41 -10.29 20.17
C GLU A 508 6.37 -10.34 21.34
N LEU A 509 6.22 -9.47 22.33
CA LEU A 509 7.01 -9.60 23.55
C LEU A 509 6.61 -10.84 24.34
N ALA A 510 5.31 -11.16 24.37
CA ALA A 510 4.88 -12.43 24.96
C ALA A 510 5.53 -13.61 24.23
N ARG A 511 5.52 -13.56 22.89
CA ARG A 511 6.08 -14.68 22.12
C ARG A 511 7.55 -14.91 22.43
N ALA A 512 8.30 -13.84 22.72
CA ALA A 512 9.71 -13.99 23.10
C ALA A 512 9.86 -14.66 24.46
N MET A 513 8.88 -14.51 25.35
CA MET A 513 8.92 -15.24 26.62
C MET A 513 8.58 -16.71 26.43
N CYS A 514 7.58 -17.00 25.61
CA CYS A 514 7.11 -18.37 25.45
C CYS A 514 6.40 -18.47 24.11
N ALA A 515 6.69 -19.52 23.33
CA ALA A 515 6.06 -19.63 22.01
C ALA A 515 4.55 -19.82 22.12
N ALA A 516 4.05 -20.30 23.25
CA ALA A 516 2.61 -20.43 23.48
C ALA A 516 2.08 -19.07 23.89
N LEU A 517 1.37 -18.41 22.99
CA LEU A 517 0.84 -17.09 23.25
C LEU A 517 -0.23 -17.18 24.35
N PRO A 518 -0.42 -16.12 25.13
CA PRO A 518 -1.45 -16.15 26.16
C PRO A 518 -2.83 -16.10 25.50
N GLU A 519 -3.83 -16.49 26.27
CA GLU A 519 -5.19 -16.56 25.75
C GLU A 519 -5.65 -15.24 25.17
N MET A 520 -5.16 -14.14 25.73
CA MET A 520 -5.47 -12.81 25.21
C MET A 520 -5.32 -12.75 23.68
N PHE A 521 -4.24 -13.31 23.14
CA PHE A 521 -3.97 -13.24 21.71
C PHE A 521 -4.38 -14.49 20.94
N MET A 522 -4.71 -15.60 21.64
CA MET A 522 -5.30 -16.75 20.96
C MET A 522 -6.81 -16.64 20.82
N ASP A 523 -7.42 -15.77 21.63
CA ASP A 523 -8.85 -15.47 21.59
C ASP A 523 -9.34 -15.24 20.18
N GLU A 524 -10.44 -15.92 19.80
CA GLU A 524 -11.02 -15.69 18.48
C GLU A 524 -11.41 -14.23 18.26
N THR A 525 -11.81 -13.53 19.32
CA THR A 525 -12.10 -12.10 19.18
C THR A 525 -10.87 -11.35 18.69
N TYR A 526 -9.70 -11.67 19.22
CA TYR A 526 -8.50 -10.96 18.77
C TYR A 526 -8.17 -11.33 17.32
N LEU A 527 -8.26 -12.62 16.96
CA LEU A 527 -7.97 -12.99 15.57
C LEU A 527 -8.96 -12.32 14.63
N MET A 528 -10.24 -12.32 14.96
N MET A 528 -10.24 -12.36 14.98
CA MET A 528 -11.20 -11.73 14.04
CA MET A 528 -11.27 -11.73 14.17
C MET A 528 -11.08 -10.21 14.02
C MET A 528 -10.98 -10.25 13.99
N SER A 529 -10.48 -9.61 15.04
CA SER A 529 -10.29 -8.16 15.06
C SER A 529 -9.26 -7.70 14.03
N ASN A 530 -8.41 -8.59 13.53
CA ASN A 530 -7.30 -8.24 12.66
C ASN A 530 -7.47 -8.75 11.24
N ARG A 531 -8.63 -9.28 10.91
CA ARG A 531 -9.00 -9.67 9.56
C ARG A 531 -9.82 -8.52 8.98
N PHE A 532 -9.17 -7.66 8.20
CA PHE A 532 -9.82 -6.41 7.78
C PHE A 532 -10.57 -6.62 6.46
N VAL A 533 -11.83 -7.01 6.59
CA VAL A 533 -12.70 -7.23 5.45
C VAL A 533 -12.91 -5.93 4.68
N LEU A 534 -12.76 -4.78 5.32
CA LEU A 534 -12.72 -3.49 4.61
C LEU A 534 -11.40 -2.81 4.93
N SER A 535 -10.57 -2.57 3.92
CA SER A 535 -9.23 -2.03 4.13
C SER A 535 -9.09 -0.76 3.30
N THR A 536 -8.80 0.37 3.95
CA THR A 536 -9.06 1.69 3.35
C THR A 536 -7.88 2.64 3.59
N SER A 537 -7.85 3.71 2.81
CA SER A 537 -6.91 4.79 3.06
C SER A 537 -7.32 5.96 2.20
N GLN A 538 -7.02 7.15 2.70
N GLN A 538 -6.95 7.15 2.66
CA GLN A 538 -7.11 8.38 1.92
CA GLN A 538 -7.12 8.41 1.93
C GLN A 538 -5.73 8.68 1.38
C GLN A 538 -5.77 8.84 1.40
N VAL A 539 -5.63 8.87 0.08
CA VAL A 539 -4.39 9.35 -0.50
C VAL A 539 -4.73 10.53 -1.39
N PRO A 540 -4.69 11.74 -0.86
CA PRO A 540 -5.03 12.91 -1.67
C PRO A 540 -3.92 13.27 -2.63
N THR A 541 -4.28 13.73 -3.82
CA THR A 541 -3.30 14.21 -4.78
C THR A 541 -3.75 15.55 -5.32
N THR A 542 -2.83 16.27 -5.95
CA THR A 542 -3.13 17.57 -6.53
C THR A 542 -3.28 17.53 -8.05
N THR A 543 -2.71 16.53 -8.69
CA THR A 543 -2.85 16.30 -10.12
C THR A 543 -3.92 15.26 -10.36
N GLU A 544 -3.99 14.77 -11.59
CA GLU A 544 -4.93 13.73 -11.97
C GLU A 544 -4.48 12.33 -11.54
N MET A 545 -3.39 12.20 -10.78
CA MET A 545 -2.93 10.86 -10.43
C MET A 545 -3.84 10.24 -9.37
N PHE A 546 -3.84 8.89 -9.30
CA PHE A 546 -4.66 8.20 -8.30
C PHE A 546 -4.01 6.86 -7.93
N CYS A 547 -4.36 6.37 -6.74
CA CYS A 547 -3.70 5.23 -6.11
C CYS A 547 -4.73 4.11 -5.91
N CYS A 548 -4.28 2.86 -5.99
CA CYS A 548 -5.19 1.74 -5.78
C CYS A 548 -4.42 0.53 -5.27
N TYR A 549 -5.16 -0.44 -4.72
CA TYR A 549 -4.57 -1.70 -4.27
C TYR A 549 -5.68 -2.73 -4.11
N GLY A 550 -5.26 -4.00 -3.95
CA GLY A 550 -6.22 -5.07 -3.78
C GLY A 550 -6.67 -5.19 -2.32
N PRO A 551 -7.61 -6.10 -2.07
CA PRO A 551 -8.03 -6.40 -0.70
C PRO A 551 -6.94 -7.16 0.05
N VAL A 552 -7.10 -7.27 1.37
CA VAL A 552 -6.11 -7.98 2.20
C VAL A 552 -6.64 -9.30 2.75
N VAL A 553 -7.92 -9.59 2.60
CA VAL A 553 -8.47 -10.91 2.93
C VAL A 553 -9.33 -11.36 1.75
N PRO A 554 -9.54 -12.68 1.60
CA PRO A 554 -10.25 -13.17 0.41
C PRO A 554 -11.68 -12.68 0.30
N ASN A 555 -12.35 -12.41 1.42
CA ASN A 555 -13.73 -11.92 1.39
C ASN A 555 -13.79 -10.41 1.61
N GLY A 556 -12.72 -9.69 1.28
CA GLY A 556 -12.63 -8.29 1.63
C GLY A 556 -12.68 -7.35 0.44
N TYR A 557 -12.62 -6.07 0.78
CA TYR A 557 -12.48 -4.96 -0.16
C TYR A 557 -11.22 -4.17 0.15
N GLY A 558 -10.61 -3.61 -0.89
CA GLY A 558 -9.71 -2.49 -0.74
C GLY A 558 -10.41 -1.24 -1.26
N ALA A 559 -10.29 -0.15 -0.50
CA ALA A 559 -10.96 1.09 -0.93
C ALA A 559 -10.03 2.27 -0.68
N CYS A 560 -9.48 2.85 -1.74
CA CYS A 560 -8.56 3.99 -1.63
C CYS A 560 -9.26 5.18 -2.27
N TYR A 561 -9.34 6.32 -1.56
CA TYR A 561 -10.10 7.44 -2.10
C TYR A 561 -9.29 8.72 -2.08
N ASN A 562 -9.63 9.61 -3.03
CA ASN A 562 -8.89 10.85 -3.27
C ASN A 562 -9.95 11.96 -3.33
N PRO A 563 -10.19 12.66 -2.22
CA PRO A 563 -11.23 13.70 -2.19
C PRO A 563 -10.71 15.01 -2.76
N GLN A 564 -11.50 15.62 -3.61
CA GLN A 564 -11.16 16.87 -4.28
C GLN A 564 -12.22 17.88 -3.88
N PRO A 565 -12.10 19.17 -4.23
CA PRO A 565 -13.11 20.14 -3.77
C PRO A 565 -14.55 19.78 -4.14
N GLU A 566 -14.78 19.23 -5.35
CA GLU A 566 -16.14 19.00 -5.89
C GLU A 566 -16.41 17.55 -6.28
N THR A 567 -15.45 16.65 -6.11
CA THR A 567 -15.59 15.24 -6.49
C THR A 567 -14.85 14.38 -5.47
N ILE A 568 -15.13 13.09 -5.49
CA ILE A 568 -14.35 12.14 -4.70
C ILE A 568 -14.09 10.92 -5.57
N LEU A 569 -12.82 10.55 -5.74
CA LEU A 569 -12.47 9.37 -6.53
C LEU A 569 -12.31 8.17 -5.61
N PHE A 570 -13.00 7.08 -5.91
CA PHE A 570 -12.90 5.83 -5.17
C PHE A 570 -12.30 4.76 -6.08
N CYS A 571 -11.26 4.09 -5.61
CA CYS A 571 -10.73 2.90 -6.28
C CYS A 571 -11.09 1.71 -5.40
N ILE A 572 -11.97 0.84 -5.89
CA ILE A 572 -12.52 -0.24 -5.09
C ILE A 572 -12.11 -1.57 -5.67
N SER A 573 -11.51 -2.42 -4.83
CA SER A 573 -11.12 -3.76 -5.26
C SER A 573 -11.81 -4.81 -4.41
N SER A 574 -11.97 -5.99 -4.98
CA SER A 574 -12.47 -7.17 -4.28
C SER A 574 -12.07 -8.35 -5.14
N PHE A 575 -12.37 -9.55 -4.67
CA PHE A 575 -12.02 -10.76 -5.41
C PHE A 575 -13.26 -11.45 -5.96
N HIS A 576 -13.21 -11.80 -7.26
CA HIS A 576 -14.34 -12.48 -7.91
C HIS A 576 -14.62 -13.85 -7.30
N SER A 577 -13.65 -14.45 -6.63
N SER A 577 -13.65 -14.42 -6.59
CA SER A 577 -13.88 -15.75 -6.03
CA SER A 577 -13.80 -15.75 -5.99
C SER A 577 -14.95 -15.68 -4.93
C SER A 577 -14.72 -15.75 -4.76
N CYS A 578 -14.97 -14.59 -4.17
CA CYS A 578 -15.87 -14.44 -3.04
C CYS A 578 -17.24 -13.99 -3.56
N ALA A 579 -18.26 -14.87 -3.44
CA ALA A 579 -19.60 -14.56 -3.92
C ALA A 579 -20.24 -13.39 -3.18
N ALA A 580 -19.82 -13.11 -1.94
CA ALA A 580 -20.47 -12.02 -1.22
C ALA A 580 -20.06 -10.64 -1.77
N THR A 581 -18.79 -10.45 -2.12
CA THR A 581 -18.34 -9.12 -2.46
C THR A 581 -18.58 -8.84 -3.93
N SER A 582 -18.68 -7.54 -4.26
CA SER A 582 -18.78 -7.08 -5.65
C SER A 582 -18.31 -5.64 -5.67
N SER A 583 -17.29 -5.34 -6.48
CA SER A 583 -16.79 -3.97 -6.48
C SER A 583 -17.82 -3.01 -7.07
N SER A 584 -18.54 -3.46 -8.12
CA SER A 584 -19.61 -2.64 -8.72
C SER A 584 -20.71 -2.32 -7.72
N LYS A 585 -21.20 -3.36 -7.03
CA LYS A 585 -22.25 -3.14 -6.06
C LYS A 585 -21.77 -2.27 -4.91
N PHE A 586 -20.52 -2.47 -4.47
CA PHE A 586 -20.03 -1.62 -3.38
C PHE A 586 -19.92 -0.15 -3.81
N ALA A 587 -19.45 0.11 -5.04
CA ALA A 587 -19.37 1.50 -5.50
C ALA A 587 -20.76 2.13 -5.59
N LYS A 588 -21.75 1.35 -6.01
CA LYS A 588 -23.12 1.87 -6.03
C LYS A 588 -23.62 2.16 -4.60
N ALA A 589 -23.26 1.31 -3.66
CA ALA A 589 -23.65 1.55 -2.26
C ALA A 589 -22.96 2.78 -1.68
N VAL A 590 -21.70 3.02 -2.07
CA VAL A 590 -20.99 4.25 -1.69
C VAL A 590 -21.73 5.48 -2.20
N GLU A 591 -22.10 5.47 -3.48
CA GLU A 591 -22.88 6.58 -4.05
C GLU A 591 -24.18 6.80 -3.29
N GLU A 592 -24.94 5.74 -3.05
CA GLU A 592 -26.21 5.94 -2.34
C GLU A 592 -25.98 6.47 -0.93
N SER A 593 -24.90 6.03 -0.27
CA SER A 593 -24.60 6.48 1.08
C SER A 593 -24.22 7.95 1.10
N LEU A 594 -23.38 8.38 0.16
CA LEU A 594 -23.03 9.80 0.09
C LEU A 594 -24.24 10.66 -0.23
N ILE A 595 -25.17 10.17 -1.06
CA ILE A 595 -26.38 10.93 -1.33
C ILE A 595 -27.26 10.98 -0.10
N ASP A 596 -27.41 9.85 0.60
CA ASP A 596 -28.21 9.85 1.84
C ASP A 596 -27.65 10.83 2.86
N MET A 597 -26.31 10.87 3.02
CA MET A 597 -25.69 11.74 4.00
C MET A 597 -25.84 13.19 3.61
N ARG A 598 -25.72 13.48 2.31
CA ARG A 598 -26.02 14.83 1.83
C ARG A 598 -27.44 15.25 2.19
N ASP A 599 -28.43 14.38 1.93
CA ASP A 599 -29.82 14.75 2.23
C ASP A 599 -30.02 14.97 3.73
N LEU A 600 -29.39 14.15 4.57
CA LEU A 600 -29.48 14.34 6.02
C LEU A 600 -28.88 15.68 6.45
N CYS A 601 -27.76 16.07 5.85
CA CYS A 601 -27.15 17.36 6.19
C CYS A 601 -27.90 18.54 5.57
N SER A 602 -28.88 18.29 4.70
CA SER A 602 -29.66 19.35 4.07
C SER A 602 -31.06 19.45 4.64
N LEU A 603 -31.30 18.90 5.83
CA LEU A 603 -32.58 19.05 6.50
C LEU A 603 -32.71 20.48 7.02
C13 A1IAP B . -2.31 0.40 1.37
C23 A1IAP B . 0.39 3.34 -0.28
C12 A1IAP B . -2.85 -0.87 1.19
C22 A1IAP B . 1.64 3.07 0.30
C11 A1IAP B . -4.49 -2.63 1.70
C21 A1IAP B . 2.80 3.15 -0.44
C01 A1IAP B . -0.64 6.72 5.20
C02 A1IAP B . -1.08 7.01 3.74
C03 A1IAP B . -1.50 5.77 2.93
C05 A1IAP B . -0.84 2.88 1.95
C06 A1IAP B . -2.28 2.65 2.47
C07 A1IAP B . -2.85 1.31 2.29
C08 A1IAP B . -3.98 0.87 3.02
C09 A1IAP B . -4.52 -0.39 2.84
C14 A1IAP B . -0.85 3.24 0.49
C15 A1IAP B . -2.00 3.52 -0.19
C16 A1IAP B . -2.01 3.89 -1.58
C17 A1IAP B . -0.85 3.97 -2.29
C18 A1IAP B . 0.37 3.68 -1.64
C19 A1IAP B . 1.59 3.79 -2.41
C20 A1IAP B . 2.78 3.52 -1.80
N10 A1IAP B . -3.94 -1.27 1.89
S04 A1IAP B . -0.27 4.37 2.99
NA NA C . -16.55 -11.07 -5.17
#